data_7CEL
#
_entry.id   7CEL
#
_cell.length_a   83.700
_cell.length_b   84.100
_cell.length_c   111.500
_cell.angle_alpha   90.00
_cell.angle_beta   90.00
_cell.angle_gamma   90.00
#
_symmetry.space_group_name_H-M   'I 2 2 2'
#
loop_
_entity.id
_entity.type
_entity.pdbx_description
1 polymer '1,4-BETA-D-GLUCAN CELLOBIOHYDROLASE I'
2 branched beta-D-glucopyranose-(1-4)-beta-D-glucopyranose
3 branched beta-D-glucopyranose-(1-4)-beta-D-glucopyranose-(1-4)-beta-D-glucopyranose-(1-4)-beta-D-glucopyranose-(1-4)-beta-D-glucopyranose-(1-4)-beta-D-glucopyranose
4 non-polymer 2-acetamido-2-deoxy-beta-D-glucopyranose
5 non-polymer 'COBALT (II) ION'
6 water water
#
_entity_poly.entity_id   1
_entity_poly.type   'polypeptide(L)'
_entity_poly.pdbx_seq_one_letter_code
;(PCA)SACTLQSETHPPLTWQKCSSGGTCTQQTGSVVIDANWRWTHATNSSTNCYDGNTWSSTLCPDNETCAKNCCLDGA
AYASTYGVTTSGNSLSIDFVTQSAQKNVGARLYLMASDTTYQEFTLLGNEFSFDVDVSQLPCGLNGALYFVSMDADGGVS
KYPTNTAGAKYGTGYCDSQCPRDLKFINGQANVEGWEPSSNNANTGIGGHGSCCSEMDIWQANSISEALTPHPCTTVGQE
ICEGDGCGGTYSDNRYGGTCDPDGCDWNPYRLGNTSFYGPGSSFTLDTTKKLTVVTQFETSGAINRYYVQNGVTFQQPNA
ELGSYSGNELNDDYCTAEEAEFGGSSFSDKGGLTQFKKATSGGMVLVMSLWDDYYANMLWLDSTYPTNETSSTPGAVRGS
CSTSSGVPAQVESQSPNAKVTFSNIKFGPIGSTGNPSG
;
_entity_poly.pdbx_strand_id   A
#
loop_
_chem_comp.id
_chem_comp.type
_chem_comp.name
_chem_comp.formula
BGC D-saccharide, beta linking beta-D-glucopyranose 'C6 H12 O6'
CO non-polymer 'COBALT (II) ION' 'Co 2'
NAG D-saccharide, beta linking 2-acetamido-2-deoxy-beta-D-glucopyranose 'C8 H15 N O6'
#
# COMPACT_ATOMS: atom_id res chain seq x y z
N PCA A 1 8.80 -19.12 -8.05
CA PCA A 1 9.39 -18.75 -9.34
CB PCA A 1 8.77 -17.43 -9.75
CG PCA A 1 8.48 -16.80 -8.41
CD PCA A 1 8.24 -18.02 -7.51
OE PCA A 1 7.67 -17.98 -6.39
C PCA A 1 10.90 -18.56 -9.22
O PCA A 1 11.42 -18.23 -8.15
N SER A 2 11.61 -18.80 -10.32
CA SER A 2 13.05 -18.58 -10.34
C SER A 2 13.26 -17.20 -10.94
N ALA A 3 14.52 -16.79 -11.05
CA ALA A 3 14.84 -15.50 -11.61
C ALA A 3 15.62 -15.71 -12.90
N CYS A 4 15.29 -14.94 -13.92
CA CYS A 4 16.00 -15.01 -15.19
C CYS A 4 16.72 -13.70 -15.36
N THR A 5 17.64 -13.65 -16.32
CA THR A 5 18.42 -12.44 -16.53
C THR A 5 18.52 -11.94 -17.98
N LEU A 6 17.43 -12.04 -18.73
CA LEU A 6 17.41 -11.55 -20.11
C LEU A 6 17.47 -10.02 -20.05
N GLN A 7 16.93 -9.46 -18.98
CA GLN A 7 16.92 -8.03 -18.74
C GLN A 7 17.50 -7.86 -17.34
N SER A 8 18.47 -6.97 -17.22
CA SER A 8 19.13 -6.72 -15.94
C SER A 8 18.19 -6.05 -14.94
N GLU A 9 18.37 -6.43 -13.67
CA GLU A 9 17.58 -5.88 -12.58
C GLU A 9 18.46 -4.95 -11.75
N THR A 10 18.29 -3.65 -11.94
CA THR A 10 19.06 -2.64 -11.21
C THR A 10 18.10 -1.79 -10.38
N HIS A 11 18.14 -1.98 -9.06
CA HIS A 11 17.26 -1.25 -8.16
C HIS A 11 17.64 0.21 -8.01
N PRO A 12 16.69 1.12 -8.27
CA PRO A 12 16.98 2.55 -8.14
C PRO A 12 17.30 2.87 -6.67
N PRO A 13 18.42 3.57 -6.43
CA PRO A 13 18.84 3.93 -5.07
C PRO A 13 17.92 4.95 -4.40
N LEU A 14 17.85 4.89 -3.09
CA LEU A 14 17.03 5.82 -2.33
C LEU A 14 17.58 5.94 -0.93
N THR A 15 17.90 7.17 -0.52
CA THR A 15 18.42 7.38 0.81
C THR A 15 17.30 7.79 1.75
N TRP A 16 17.51 7.54 3.03
CA TRP A 16 16.57 7.91 4.07
C TRP A 16 17.39 8.16 5.34
N GLN A 17 16.75 8.67 6.38
CA GLN A 17 17.46 8.99 7.61
C GLN A 17 16.98 8.19 8.81
N LYS A 18 17.92 7.75 9.64
CA LYS A 18 17.61 7.04 10.86
C LYS A 18 18.05 7.98 11.97
N CYS A 19 17.13 8.36 12.85
CA CYS A 19 17.42 9.29 13.93
C CYS A 19 17.46 8.59 15.28
N SER A 20 18.11 9.24 16.23
CA SER A 20 18.24 8.69 17.58
C SER A 20 17.72 9.64 18.63
N SER A 21 17.44 9.10 19.81
CA SER A 21 16.92 9.88 20.93
C SER A 21 17.91 10.99 21.31
N GLY A 22 19.18 10.79 20.97
CA GLY A 22 20.20 11.76 21.29
C GLY A 22 20.11 13.05 20.50
N GLY A 23 19.25 13.08 19.49
CA GLY A 23 19.05 14.28 18.70
C GLY A 23 19.77 14.39 17.36
N THR A 24 20.30 13.27 16.86
CA THR A 24 20.99 13.30 15.57
C THR A 24 20.41 12.26 14.61
N CYS A 25 20.52 12.55 13.32
CA CYS A 25 20.02 11.63 12.29
C CYS A 25 21.15 11.31 11.36
N THR A 26 21.22 10.07 10.91
CA THR A 26 22.26 9.64 9.99
C THR A 26 21.66 9.07 8.72
N GLN A 27 22.32 9.35 7.61
CA GLN A 27 21.85 8.85 6.32
C GLN A 27 22.06 7.37 6.15
N GLN A 28 21.05 6.72 5.57
CA GLN A 28 21.06 5.30 5.29
C GLN A 28 20.89 5.22 3.78
N THR A 29 21.45 4.19 3.16
CA THR A 29 21.32 4.05 1.72
C THR A 29 20.60 2.76 1.40
N GLY A 30 19.48 2.89 0.72
CA GLY A 30 18.71 1.72 0.34
C GLY A 30 18.41 1.80 -1.15
N SER A 31 17.37 1.11 -1.58
CA SER A 31 16.95 1.11 -2.97
C SER A 31 15.51 0.61 -3.05
N VAL A 32 14.90 0.70 -4.22
CA VAL A 32 13.52 0.23 -4.36
C VAL A 32 13.42 -0.85 -5.42
N VAL A 33 12.48 -1.76 -5.21
CA VAL A 33 12.23 -2.87 -6.12
C VAL A 33 10.72 -2.93 -6.45
N ILE A 34 10.41 -3.21 -7.71
CA ILE A 34 9.01 -3.31 -8.14
C ILE A 34 8.45 -4.70 -7.86
N ASP A 35 7.17 -4.73 -7.50
CA ASP A 35 6.48 -5.98 -7.20
C ASP A 35 6.49 -6.93 -8.40
N ALA A 36 6.55 -8.22 -8.11
CA ALA A 36 6.60 -9.27 -9.13
C ALA A 36 5.50 -9.25 -10.19
N ASN A 37 4.30 -8.80 -9.82
CA ASN A 37 3.17 -8.76 -10.76
C ASN A 37 3.40 -7.87 -11.98
N TRP A 38 4.24 -6.85 -11.84
CA TRP A 38 4.53 -5.94 -12.95
C TRP A 38 5.56 -6.49 -13.93
N ARG A 39 6.23 -7.57 -13.55
CA ARG A 39 7.29 -8.14 -14.38
C ARG A 39 6.89 -9.08 -15.49
N TRP A 40 7.87 -9.35 -16.35
CA TRP A 40 7.76 -10.27 -17.46
C TRP A 40 7.98 -11.64 -16.83
N THR A 41 7.05 -12.57 -17.04
CA THR A 41 7.19 -13.92 -16.51
C THR A 41 7.29 -14.82 -17.73
N HIS A 42 8.41 -15.51 -17.87
CA HIS A 42 8.60 -16.39 -19.03
C HIS A 42 9.28 -17.71 -18.69
N ALA A 43 9.32 -18.61 -19.67
CA ALA A 43 9.95 -19.92 -19.48
C ALA A 43 11.42 -19.73 -19.13
N THR A 44 11.92 -20.61 -18.28
CA THR A 44 13.32 -20.54 -17.86
C THR A 44 14.29 -20.77 -19.02
N ASN A 45 13.83 -21.50 -20.04
CA ASN A 45 14.66 -21.83 -21.20
C ASN A 45 14.42 -21.05 -22.50
N SER A 46 13.47 -20.14 -22.51
CA SER A 46 13.19 -19.34 -23.71
C SER A 46 12.52 -18.03 -23.32
N SER A 47 12.14 -17.24 -24.31
CA SER A 47 11.48 -15.95 -24.07
C SER A 47 9.95 -16.07 -24.12
N THR A 48 9.45 -17.31 -24.12
CA THR A 48 8.01 -17.54 -24.18
C THR A 48 7.36 -17.17 -22.85
N ASN A 49 6.35 -16.30 -22.91
CA ASN A 49 5.63 -15.87 -21.73
C ASN A 49 4.86 -16.99 -21.04
N CYS A 50 4.83 -16.95 -19.73
CA CYS A 50 4.07 -17.92 -18.95
C CYS A 50 2.72 -17.26 -18.66
N TYR A 51 2.70 -15.94 -18.73
CA TYR A 51 1.50 -15.15 -18.50
C TYR A 51 1.49 -14.06 -19.56
N ASP A 52 0.32 -13.83 -20.15
CA ASP A 52 0.17 -12.82 -21.18
C ASP A 52 -1.25 -12.28 -21.14
N GLY A 53 -1.39 -10.96 -21.25
CA GLY A 53 -2.71 -10.35 -21.19
C GLY A 53 -3.21 -10.65 -19.79
N ASN A 54 -4.27 -11.45 -19.67
CA ASN A 54 -4.77 -11.80 -18.35
C ASN A 54 -4.99 -13.30 -18.19
N THR A 55 -4.20 -14.07 -18.93
CA THR A 55 -4.28 -15.53 -18.87
C THR A 55 -2.91 -16.18 -18.83
N TRP A 56 -2.89 -17.40 -18.31
CA TRP A 56 -1.69 -18.19 -18.18
C TRP A 56 -1.51 -19.14 -19.36
N SER A 57 -0.26 -19.52 -19.61
CA SER A 57 0.06 -20.46 -20.66
C SER A 57 -0.44 -21.79 -20.11
N SER A 58 -1.38 -22.43 -20.81
CA SER A 58 -1.94 -23.70 -20.36
C SER A 58 -0.95 -24.87 -20.39
N THR A 59 0.07 -24.78 -21.25
CA THR A 59 1.07 -25.82 -21.39
C THR A 59 2.24 -25.65 -20.41
N LEU A 60 2.69 -24.42 -20.23
CA LEU A 60 3.79 -24.12 -19.30
C LEU A 60 3.26 -24.11 -17.87
N CYS A 61 1.99 -23.75 -17.72
CA CYS A 61 1.36 -23.66 -16.42
C CYS A 61 0.07 -24.45 -16.24
N PRO A 62 0.15 -25.78 -16.28
CA PRO A 62 -1.04 -26.63 -16.12
C PRO A 62 -1.53 -26.67 -14.67
N ASP A 63 -0.64 -26.34 -13.74
CA ASP A 63 -0.95 -26.32 -12.31
C ASP A 63 0.04 -25.40 -11.59
N ASN A 64 -0.24 -25.11 -10.33
CA ASN A 64 0.61 -24.21 -9.54
C ASN A 64 2.06 -24.59 -9.42
N GLU A 65 2.34 -25.87 -9.15
CA GLU A 65 3.72 -26.32 -9.00
C GLU A 65 4.54 -26.31 -10.27
N THR A 66 4.02 -26.96 -11.31
CA THR A 66 4.70 -27.06 -12.60
C THR A 66 4.99 -25.67 -13.15
N CYS A 67 4.03 -24.77 -12.99
CA CYS A 67 4.18 -23.40 -13.47
C CYS A 67 5.40 -22.73 -12.80
N ALA A 68 5.50 -22.89 -11.48
CA ALA A 68 6.61 -22.30 -10.72
C ALA A 68 7.97 -22.86 -11.14
N LYS A 69 8.01 -24.15 -11.48
CA LYS A 69 9.25 -24.80 -11.91
C LYS A 69 9.66 -24.39 -13.33
N ASN A 70 8.67 -24.17 -14.19
CA ASN A 70 8.93 -23.79 -15.58
C ASN A 70 9.14 -22.31 -15.81
N CYS A 71 8.66 -21.50 -14.88
CA CYS A 71 8.71 -20.05 -15.04
C CYS A 71 9.61 -19.24 -14.12
N CYS A 72 10.10 -18.12 -14.65
CA CYS A 72 10.96 -17.22 -13.92
C CYS A 72 10.53 -15.77 -14.14
N LEU A 73 10.92 -14.90 -13.22
CA LEU A 73 10.63 -13.47 -13.30
C LEU A 73 11.87 -12.84 -13.88
N ASP A 74 11.72 -11.73 -14.59
CA ASP A 74 12.89 -11.06 -15.16
C ASP A 74 13.03 -9.63 -14.68
N GLY A 75 14.12 -8.98 -15.10
CA GLY A 75 14.40 -7.61 -14.71
C GLY A 75 13.43 -6.58 -15.26
N ALA A 76 13.45 -5.39 -14.66
CA ALA A 76 12.56 -4.31 -15.04
C ALA A 76 13.29 -3.01 -15.38
N ALA A 77 12.82 -2.33 -16.43
CA ALA A 77 13.40 -1.05 -16.83
C ALA A 77 12.55 -0.02 -16.08
N TYR A 78 12.97 0.29 -14.85
CA TYR A 78 12.26 1.22 -13.98
C TYR A 78 11.73 2.53 -14.54
N ALA A 79 12.62 3.31 -15.15
CA ALA A 79 12.23 4.59 -15.70
C ALA A 79 11.42 4.52 -16.99
N SER A 80 11.97 3.83 -18.00
CA SER A 80 11.32 3.74 -19.29
C SER A 80 10.05 2.91 -19.39
N THR A 81 9.94 1.88 -18.56
CA THR A 81 8.74 1.05 -18.60
C THR A 81 7.75 1.33 -17.48
N TYR A 82 8.26 1.63 -16.29
CA TYR A 82 7.38 1.83 -15.15
C TYR A 82 7.23 3.25 -14.61
N GLY A 83 7.95 4.20 -15.21
CA GLY A 83 7.88 5.59 -14.79
C GLY A 83 8.29 5.81 -13.34
N VAL A 84 9.24 5.02 -12.88
CA VAL A 84 9.74 5.11 -11.51
C VAL A 84 11.15 5.69 -11.55
N THR A 85 11.36 6.80 -10.84
CA THR A 85 12.67 7.42 -10.78
C THR A 85 12.97 7.88 -9.36
N THR A 86 14.25 7.97 -9.03
CA THR A 86 14.67 8.42 -7.69
C THR A 86 15.77 9.46 -7.87
N SER A 87 15.96 10.26 -6.84
CA SER A 87 16.99 11.29 -6.83
C SER A 87 17.26 11.62 -5.38
N GLY A 88 18.39 11.13 -4.87
CA GLY A 88 18.73 11.38 -3.49
C GLY A 88 17.73 10.73 -2.57
N ASN A 89 17.01 11.55 -1.80
CA ASN A 89 16.00 11.04 -0.87
C ASN A 89 14.59 11.11 -1.45
N SER A 90 14.50 11.33 -2.75
CA SER A 90 13.21 11.47 -3.42
C SER A 90 12.87 10.36 -4.40
N LEU A 91 11.60 9.98 -4.40
CA LEU A 91 11.07 8.94 -5.29
C LEU A 91 9.81 9.46 -5.99
N SER A 92 9.77 9.31 -7.31
CA SER A 92 8.60 9.73 -8.10
C SER A 92 8.04 8.55 -8.89
N ILE A 93 6.72 8.48 -8.94
CA ILE A 93 6.03 7.42 -9.67
C ILE A 93 5.02 8.09 -10.62
N ASP A 94 5.15 7.82 -11.91
CA ASP A 94 4.24 8.36 -12.89
C ASP A 94 3.02 7.46 -12.99
N PHE A 95 1.87 8.05 -13.28
CA PHE A 95 0.62 7.30 -13.37
C PHE A 95 0.57 6.38 -14.59
N VAL A 96 0.66 6.95 -15.78
CA VAL A 96 0.62 6.12 -16.98
C VAL A 96 1.90 6.31 -17.79
N THR A 97 2.57 5.20 -18.08
CA THR A 97 3.79 5.23 -18.87
C THR A 97 3.56 4.37 -20.10
N GLN A 98 3.84 4.93 -21.26
CA GLN A 98 3.68 4.26 -22.55
C GLN A 98 5.02 3.85 -23.14
N SER A 99 5.20 2.55 -23.38
CA SER A 99 6.42 2.05 -23.99
C SER A 99 5.98 1.01 -25.03
N ALA A 100 6.39 -0.25 -24.87
CA ALA A 100 5.97 -1.29 -25.79
C ALA A 100 4.49 -1.50 -25.49
N GLN A 101 4.17 -1.40 -24.21
CA GLN A 101 2.81 -1.54 -23.70
C GLN A 101 2.50 -0.38 -22.77
N LYS A 102 1.26 -0.31 -22.30
CA LYS A 102 0.83 0.74 -21.39
C LYS A 102 0.96 0.23 -19.96
N ASN A 103 1.56 1.04 -19.08
CA ASN A 103 1.72 0.67 -17.67
C ASN A 103 1.00 1.67 -16.79
N VAL A 104 0.35 1.16 -15.75
CA VAL A 104 -0.37 2.00 -14.81
C VAL A 104 0.20 1.88 -13.39
N GLY A 105 0.89 2.92 -12.94
CA GLY A 105 1.44 2.94 -11.60
C GLY A 105 2.49 1.90 -11.27
N ALA A 106 2.67 1.67 -9.98
CA ALA A 106 3.65 0.71 -9.49
C ALA A 106 3.51 0.50 -7.98
N ARG A 107 4.05 -0.61 -7.50
CA ARG A 107 4.08 -0.92 -6.07
C ARG A 107 5.54 -1.28 -5.85
N LEU A 108 6.20 -0.52 -4.99
CA LEU A 108 7.64 -0.68 -4.71
C LEU A 108 7.90 -0.97 -3.24
N TYR A 109 9.00 -1.68 -2.96
CA TYR A 109 9.38 -2.01 -1.60
C TYR A 109 10.78 -1.44 -1.34
N LEU A 110 11.02 -0.96 -0.11
CA LEU A 110 12.34 -0.42 0.24
C LEU A 110 13.25 -1.58 0.63
N MET A 111 14.40 -1.65 -0.01
CA MET A 111 15.37 -2.71 0.24
C MET A 111 16.54 -2.32 1.16
N ALA A 112 17.06 -3.32 1.88
CA ALA A 112 18.20 -3.15 2.78
C ALA A 112 19.46 -3.40 1.95
N SER A 113 19.41 -4.42 1.12
CA SER A 113 20.50 -4.79 0.23
C SER A 113 19.83 -5.16 -1.10
N ASP A 114 20.63 -5.60 -2.06
CA ASP A 114 20.12 -5.98 -3.36
C ASP A 114 19.24 -7.22 -3.32
N THR A 115 19.32 -7.97 -2.23
CA THR A 115 18.57 -9.20 -2.10
C THR A 115 17.66 -9.32 -0.90
N THR A 116 17.55 -8.24 -0.12
CA THR A 116 16.71 -8.28 1.08
C THR A 116 15.91 -6.99 1.27
N TYR A 117 14.74 -7.12 1.89
CA TYR A 117 13.88 -5.98 2.20
C TYR A 117 14.33 -5.38 3.53
N GLN A 118 14.14 -4.07 3.66
CA GLN A 118 14.46 -3.37 4.90
C GLN A 118 13.27 -3.58 5.84
N GLU A 119 13.54 -4.05 7.06
CA GLU A 119 12.46 -4.28 8.02
C GLU A 119 12.47 -3.14 9.03
N PHE A 120 11.28 -2.66 9.39
CA PHE A 120 11.15 -1.56 10.35
C PHE A 120 10.30 -2.01 11.53
N THR A 121 10.72 -1.65 12.74
CA THR A 121 9.95 -1.96 13.95
C THR A 121 9.34 -0.61 14.36
N LEU A 122 8.05 -0.46 14.10
CA LEU A 122 7.34 0.79 14.37
C LEU A 122 7.00 1.12 15.82
N LEU A 123 6.70 0.11 16.62
CA LEU A 123 6.33 0.34 18.02
C LEU A 123 7.38 1.17 18.79
N GLY A 124 6.91 2.25 19.39
CA GLY A 124 7.77 3.14 20.14
C GLY A 124 8.50 4.15 19.27
N ASN A 125 8.38 4.01 17.96
CA ASN A 125 9.05 4.91 17.03
C ASN A 125 8.08 5.80 16.25
N GLU A 126 8.65 6.66 15.42
CA GLU A 126 7.86 7.55 14.57
C GLU A 126 8.44 7.57 13.16
N PHE A 127 7.56 7.74 12.18
CA PHE A 127 7.93 7.75 10.78
C PHE A 127 7.52 9.09 10.17
N SER A 128 8.44 9.71 9.45
CA SER A 128 8.18 11.00 8.82
C SER A 128 8.53 10.98 7.35
N PHE A 129 7.76 11.71 6.54
CA PHE A 129 8.03 11.80 5.11
C PHE A 129 7.34 13.02 4.53
N ASP A 130 7.89 13.52 3.43
CA ASP A 130 7.33 14.65 2.71
C ASP A 130 6.61 14.07 1.50
N VAL A 131 5.51 14.69 1.11
CA VAL A 131 4.77 14.19 -0.03
C VAL A 131 4.13 15.32 -0.82
N ASP A 132 4.09 15.13 -2.13
CA ASP A 132 3.47 16.07 -3.04
C ASP A 132 2.36 15.28 -3.73
N VAL A 133 1.12 15.56 -3.35
CA VAL A 133 -0.06 14.90 -3.92
C VAL A 133 -0.83 15.82 -4.88
N SER A 134 -0.26 16.97 -5.20
CA SER A 134 -0.90 17.95 -6.06
C SER A 134 -1.32 17.45 -7.44
N GLN A 135 -0.66 16.42 -7.93
CA GLN A 135 -0.97 15.86 -9.24
C GLN A 135 -1.89 14.65 -9.17
N LEU A 136 -2.51 14.43 -8.01
CA LEU A 136 -3.42 13.30 -7.85
C LEU A 136 -4.89 13.74 -7.70
N PRO A 137 -5.66 13.62 -8.79
CA PRO A 137 -7.08 14.01 -8.75
C PRO A 137 -7.93 12.87 -8.20
N CYS A 138 -9.25 13.05 -8.23
CA CYS A 138 -10.19 12.04 -7.77
C CYS A 138 -9.92 10.70 -8.45
N GLY A 139 -10.05 9.60 -7.71
CA GLY A 139 -9.84 8.30 -8.31
C GLY A 139 -8.45 7.71 -8.23
N LEU A 140 -7.46 8.53 -7.87
CA LEU A 140 -6.09 8.04 -7.74
C LEU A 140 -5.69 7.89 -6.27
N ASN A 141 -4.68 7.06 -6.02
CA ASN A 141 -4.21 6.82 -4.66
C ASN A 141 -2.69 6.64 -4.64
N GLY A 142 -2.01 7.60 -4.02
CA GLY A 142 -0.57 7.52 -3.85
C GLY A 142 -0.44 7.05 -2.42
N ALA A 143 -0.04 5.80 -2.23
CA ALA A 143 0.07 5.24 -0.90
C ALA A 143 1.46 4.90 -0.38
N LEU A 144 1.61 5.05 0.94
CA LEU A 144 2.84 4.72 1.63
C LEU A 144 2.33 3.96 2.86
N TYR A 145 2.76 2.71 2.99
CA TYR A 145 2.30 1.89 4.10
C TYR A 145 3.29 0.77 4.43
N PHE A 146 2.97 -0.02 5.45
CA PHE A 146 3.83 -1.12 5.89
C PHE A 146 3.04 -2.41 5.93
N VAL A 147 3.71 -3.51 5.60
CA VAL A 147 3.08 -4.83 5.63
C VAL A 147 4.06 -5.81 6.28
N SER A 148 3.54 -6.83 6.95
CA SER A 148 4.40 -7.81 7.62
C SER A 148 4.95 -8.87 6.66
N MET A 149 5.83 -8.44 5.76
CA MET A 149 6.44 -9.35 4.79
C MET A 149 7.78 -9.90 5.31
N ASP A 150 8.19 -11.06 4.82
CA ASP A 150 9.46 -11.67 5.20
C ASP A 150 10.58 -10.90 4.51
N ALA A 151 11.71 -10.76 5.17
CA ALA A 151 12.84 -10.01 4.63
C ALA A 151 13.41 -10.58 3.33
N ASP A 152 13.26 -11.87 3.11
CA ASP A 152 13.79 -12.49 1.90
C ASP A 152 12.77 -12.71 0.81
N GLY A 153 11.54 -12.23 1.03
CA GLY A 153 10.50 -12.41 0.03
C GLY A 153 9.87 -13.79 0.07
N GLY A 154 10.21 -14.56 1.11
CA GLY A 154 9.68 -15.91 1.27
C GLY A 154 10.56 -17.07 0.85
N VAL A 155 11.77 -16.78 0.37
CA VAL A 155 12.69 -17.82 -0.09
C VAL A 155 12.99 -18.95 0.91
N SER A 156 13.27 -18.58 2.16
CA SER A 156 13.59 -19.58 3.18
C SER A 156 12.43 -20.50 3.52
N LYS A 157 11.22 -19.97 3.45
CA LYS A 157 10.03 -20.77 3.74
C LYS A 157 9.57 -21.57 2.53
N TYR A 158 9.75 -21.02 1.34
CA TYR A 158 9.30 -21.66 0.10
C TYR A 158 10.44 -21.81 -0.89
N PRO A 159 11.11 -22.98 -0.88
CA PRO A 159 12.25 -23.35 -1.73
C PRO A 159 12.07 -23.14 -3.24
N THR A 160 10.85 -23.34 -3.75
CA THR A 160 10.58 -23.14 -5.18
C THR A 160 10.62 -21.66 -5.59
N ASN A 161 10.68 -20.77 -4.61
CA ASN A 161 10.79 -19.35 -4.88
C ASN A 161 12.27 -19.00 -4.70
N THR A 162 13.01 -18.94 -5.80
CA THR A 162 14.42 -18.59 -5.73
C THR A 162 14.67 -17.17 -6.21
N ALA A 163 13.62 -16.47 -6.65
CA ALA A 163 13.77 -15.08 -7.12
C ALA A 163 13.89 -14.13 -5.94
N GLY A 164 13.05 -14.34 -4.93
CA GLY A 164 13.08 -13.54 -3.72
C GLY A 164 12.81 -12.05 -3.77
N ALA A 165 13.27 -11.36 -2.73
CA ALA A 165 13.10 -9.92 -2.58
C ALA A 165 13.71 -9.11 -3.72
N LYS A 166 14.77 -9.63 -4.33
CA LYS A 166 15.43 -8.97 -5.44
C LYS A 166 14.46 -8.75 -6.61
N TYR A 167 13.47 -9.63 -6.73
CA TYR A 167 12.47 -9.55 -7.79
C TYR A 167 11.07 -9.20 -7.29
N GLY A 168 11.02 -8.64 -6.08
CA GLY A 168 9.75 -8.23 -5.49
C GLY A 168 8.73 -9.29 -5.19
N THR A 169 9.15 -10.45 -4.72
CA THR A 169 8.21 -11.52 -4.39
C THR A 169 7.81 -11.42 -2.92
N GLY A 170 6.77 -12.17 -2.55
CA GLY A 170 6.35 -12.22 -1.16
C GLY A 170 5.31 -11.26 -0.64
N TYR A 171 4.73 -10.43 -1.50
CA TYR A 171 3.74 -9.48 -1.04
C TYR A 171 2.54 -10.10 -0.32
N CYS A 172 1.97 -9.32 0.59
CA CYS A 172 0.79 -9.70 1.35
C CYS A 172 0.28 -8.41 1.98
N ASP A 173 -1.03 -8.38 2.25
CA ASP A 173 -1.67 -7.24 2.90
C ASP A 173 -3.00 -7.70 3.50
N SER A 174 -3.70 -6.79 4.17
CA SER A 174 -4.96 -7.15 4.83
C SER A 174 -6.11 -7.56 3.91
N GLN A 175 -5.96 -7.33 2.62
CA GLN A 175 -6.99 -7.73 1.65
C GLN A 175 -6.81 -9.20 1.30
N CYS A 176 -5.67 -9.78 1.70
CA CYS A 176 -5.35 -11.18 1.37
C CYS A 176 -5.48 -11.26 -0.15
N PRO A 177 -4.76 -10.38 -0.88
CA PRO A 177 -4.81 -10.34 -2.35
C PRO A 177 -4.71 -11.66 -3.12
N ARG A 178 -5.70 -11.88 -3.99
CA ARG A 178 -5.78 -13.07 -4.80
C ARG A 178 -5.35 -12.80 -6.25
N ASP A 179 -4.94 -11.57 -6.53
CA ASP A 179 -4.50 -11.17 -7.88
C ASP A 179 -3.01 -11.45 -8.11
N LEU A 180 -2.32 -11.84 -7.05
CA LEU A 180 -0.89 -12.14 -7.15
C LEU A 180 -0.66 -13.40 -7.98
N LYS A 181 0.27 -13.31 -8.92
CA LYS A 181 0.58 -14.43 -9.80
C LYS A 181 1.39 -15.55 -9.15
N PHE A 182 2.20 -15.19 -8.15
CA PHE A 182 3.00 -16.16 -7.42
C PHE A 182 2.85 -15.94 -5.92
N ILE A 183 2.47 -17.00 -5.20
CA ILE A 183 2.29 -16.97 -3.75
C ILE A 183 2.89 -18.26 -3.19
N ASN A 184 3.68 -18.12 -2.12
CA ASN A 184 4.31 -19.27 -1.46
C ASN A 184 5.14 -20.15 -2.38
N GLY A 185 5.89 -19.51 -3.29
CA GLY A 185 6.74 -20.23 -4.21
C GLY A 185 6.04 -20.99 -5.32
N GLN A 186 4.74 -20.74 -5.48
CA GLN A 186 3.96 -21.39 -6.52
C GLN A 186 3.17 -20.37 -7.31
N ALA A 187 2.73 -20.75 -8.51
CA ALA A 187 1.93 -19.84 -9.32
C ALA A 187 0.52 -19.85 -8.74
N ASN A 188 -0.31 -18.92 -9.16
CA ASN A 188 -1.68 -18.82 -8.67
C ASN A 188 -2.62 -19.10 -9.86
N VAL A 189 -2.20 -20.02 -10.73
CA VAL A 189 -2.97 -20.38 -11.93
C VAL A 189 -4.24 -21.18 -11.66
N GLU A 190 -4.22 -22.09 -10.71
CA GLU A 190 -5.41 -22.88 -10.41
C GLU A 190 -6.54 -21.98 -9.93
N GLY A 191 -7.70 -22.11 -10.57
CA GLY A 191 -8.86 -21.31 -10.21
C GLY A 191 -8.80 -19.89 -10.75
N TRP A 192 -7.89 -19.63 -11.67
CA TRP A 192 -7.71 -18.31 -12.24
C TRP A 192 -8.89 -17.85 -13.08
N GLU A 193 -9.37 -16.65 -12.77
CA GLU A 193 -10.49 -16.02 -13.46
C GLU A 193 -10.03 -14.63 -13.90
N PRO A 194 -9.93 -14.41 -15.22
CA PRO A 194 -9.51 -13.12 -15.77
C PRO A 194 -10.51 -12.04 -15.41
N SER A 195 -10.01 -10.82 -15.20
CA SER A 195 -10.86 -9.69 -14.87
C SER A 195 -11.68 -9.28 -16.09
N SER A 196 -12.89 -8.80 -15.83
CA SER A 196 -13.78 -8.36 -16.90
C SER A 196 -13.44 -6.95 -17.38
N ASN A 197 -12.87 -6.13 -16.48
CA ASN A 197 -12.53 -4.75 -16.82
C ASN A 197 -11.04 -4.42 -16.94
N ASN A 198 -10.17 -5.37 -16.62
CA ASN A 198 -8.74 -5.12 -16.71
C ASN A 198 -8.07 -6.20 -17.55
N ALA A 199 -7.53 -5.78 -18.69
CA ALA A 199 -6.86 -6.69 -19.64
C ALA A 199 -5.57 -7.32 -19.14
N ASN A 200 -5.05 -6.85 -18.01
CA ASN A 200 -3.82 -7.38 -17.45
C ASN A 200 -3.97 -8.22 -16.20
N THR A 201 -5.17 -8.22 -15.61
CA THR A 201 -5.34 -8.93 -14.35
C THR A 201 -6.37 -10.04 -14.25
N GLY A 202 -6.36 -10.69 -13.10
CA GLY A 202 -7.29 -11.77 -12.80
C GLY A 202 -7.29 -12.05 -11.32
N ILE A 203 -7.99 -13.10 -10.93
CA ILE A 203 -8.10 -13.52 -9.54
C ILE A 203 -7.83 -15.02 -9.51
N GLY A 204 -6.90 -15.46 -8.68
CA GLY A 204 -6.58 -16.87 -8.57
C GLY A 204 -7.22 -17.58 -7.39
N GLY A 205 -6.93 -18.87 -7.24
CA GLY A 205 -7.48 -19.63 -6.14
C GLY A 205 -6.90 -19.35 -4.76
N HIS A 206 -5.77 -18.65 -4.70
CA HIS A 206 -5.13 -18.35 -3.42
C HIS A 206 -4.87 -16.87 -3.21
N GLY A 207 -4.71 -16.51 -1.95
CA GLY A 207 -4.42 -15.13 -1.59
C GLY A 207 -3.27 -15.10 -0.60
N SER A 208 -2.74 -13.92 -0.34
CA SER A 208 -1.62 -13.76 0.57
C SER A 208 -1.95 -12.72 1.64
N CYS A 209 -2.18 -13.18 2.86
CA CYS A 209 -2.55 -12.31 3.99
C CYS A 209 -1.42 -11.92 4.93
N CYS A 210 -1.60 -10.75 5.56
CA CYS A 210 -0.70 -10.23 6.59
C CYS A 210 -1.10 -8.86 7.07
N SER A 211 -0.62 -8.52 8.27
CA SER A 211 -0.92 -7.25 8.90
C SER A 211 -0.50 -6.09 8.01
N GLU A 212 -1.26 -5.01 8.10
CA GLU A 212 -1.01 -3.85 7.28
C GLU A 212 -1.25 -2.55 8.02
N MET A 213 -0.27 -1.65 7.93
CA MET A 213 -0.37 -0.34 8.57
C MET A 213 -0.38 0.71 7.46
N ASP A 214 -1.57 1.23 7.17
CA ASP A 214 -1.70 2.25 6.13
C ASP A 214 -1.42 3.62 6.69
N ILE A 215 -0.15 4.02 6.61
CA ILE A 215 0.27 5.33 7.09
C ILE A 215 -0.41 6.40 6.24
N TRP A 216 -0.40 6.18 4.92
CA TRP A 216 -0.89 7.16 3.99
C TRP A 216 -1.55 6.58 2.73
N GLN A 217 -2.84 6.88 2.57
CA GLN A 217 -3.62 6.49 1.39
C GLN A 217 -4.26 7.82 1.06
N ALA A 218 -3.89 8.42 -0.07
CA ALA A 218 -4.41 9.73 -0.37
C ALA A 218 -4.24 10.22 -1.79
N ASN A 219 -4.91 11.34 -2.05
CA ASN A 219 -4.83 12.10 -3.31
C ASN A 219 -4.96 13.56 -2.88
N SER A 220 -5.16 14.48 -3.81
CA SER A 220 -5.27 15.90 -3.44
C SER A 220 -6.60 16.24 -2.74
N ILE A 221 -7.52 15.30 -2.74
CA ILE A 221 -8.86 15.50 -2.14
C ILE A 221 -9.02 14.94 -0.72
N SER A 222 -8.63 13.68 -0.54
CA SER A 222 -8.76 13.02 0.76
C SER A 222 -7.54 12.20 1.16
N GLU A 223 -7.43 11.92 2.45
CA GLU A 223 -6.33 11.14 3.01
C GLU A 223 -6.84 10.36 4.20
N ALA A 224 -6.31 9.15 4.38
CA ALA A 224 -6.72 8.29 5.49
C ALA A 224 -5.53 7.56 6.12
N LEU A 225 -5.65 7.31 7.41
CA LEU A 225 -4.62 6.62 8.22
C LEU A 225 -5.34 5.38 8.73
N THR A 226 -4.82 4.19 8.43
CA THR A 226 -5.54 2.99 8.83
C THR A 226 -4.77 1.73 9.20
N PRO A 227 -4.90 1.28 10.46
CA PRO A 227 -4.22 0.04 10.88
C PRO A 227 -5.18 -1.15 10.60
N HIS A 228 -4.63 -2.28 10.15
CA HIS A 228 -5.42 -3.46 9.85
C HIS A 228 -4.85 -4.69 10.54
N PRO A 229 -5.55 -5.23 11.55
CA PRO A 229 -5.05 -6.43 12.23
C PRO A 229 -5.45 -7.71 11.48
N CYS A 230 -4.73 -8.79 11.75
CA CYS A 230 -5.00 -10.11 11.18
C CYS A 230 -4.74 -11.09 12.32
N THR A 231 -5.49 -12.19 12.36
CA THR A 231 -5.34 -13.21 13.40
C THR A 231 -3.95 -13.84 13.34
N THR A 232 -3.36 -13.87 12.16
CA THR A 232 -1.99 -14.35 11.97
C THR A 232 -1.27 -13.08 11.56
N VAL A 233 -0.27 -12.70 12.34
CA VAL A 233 0.48 -11.48 12.09
C VAL A 233 1.22 -11.40 10.75
N GLY A 234 2.03 -12.41 10.46
CA GLY A 234 2.79 -12.42 9.23
C GLY A 234 2.13 -13.02 8.01
N GLN A 235 2.89 -13.10 6.93
CA GLN A 235 2.42 -13.63 5.66
C GLN A 235 1.87 -15.06 5.77
N GLU A 236 0.66 -15.25 5.24
CA GLU A 236 0.01 -16.55 5.28
C GLU A 236 -0.93 -16.70 4.09
N ILE A 237 -0.85 -17.85 3.45
CA ILE A 237 -1.70 -18.15 2.29
C ILE A 237 -3.16 -18.37 2.75
N CYS A 238 -4.10 -18.10 1.85
CA CYS A 238 -5.51 -18.32 2.12
C CYS A 238 -6.14 -18.97 0.90
N GLU A 239 -7.27 -19.65 1.11
CA GLU A 239 -7.98 -20.36 0.04
C GLU A 239 -9.26 -19.68 -0.42
N GLY A 240 -9.36 -19.45 -1.73
CA GLY A 240 -10.54 -18.84 -2.32
C GLY A 240 -11.25 -17.72 -1.57
N ASP A 241 -12.57 -17.82 -1.47
CA ASP A 241 -13.37 -16.80 -0.80
C ASP A 241 -13.20 -16.72 0.70
N GLY A 242 -12.45 -17.68 1.26
CA GLY A 242 -12.18 -17.66 2.68
C GLY A 242 -11.13 -16.60 2.97
N CYS A 243 -10.56 -16.07 1.90
CA CYS A 243 -9.56 -15.01 1.96
C CYS A 243 -10.21 -13.71 2.37
N GLY A 244 -11.47 -13.53 2.00
CA GLY A 244 -12.16 -12.28 2.29
C GLY A 244 -11.51 -11.20 1.43
N GLY A 245 -11.66 -9.95 1.83
CA GLY A 245 -11.06 -8.86 1.09
C GLY A 245 -11.70 -8.46 -0.24
N THR A 246 -11.08 -7.49 -0.90
CA THR A 246 -11.55 -6.95 -2.17
C THR A 246 -11.76 -7.99 -3.28
N TYR A 247 -10.89 -8.99 -3.36
CA TYR A 247 -10.97 -10.01 -4.40
C TYR A 247 -11.90 -11.20 -4.18
N SER A 248 -12.64 -11.22 -3.08
CA SER A 248 -13.56 -12.33 -2.81
C SER A 248 -15.00 -11.84 -2.82
N ASP A 249 -15.96 -12.77 -2.91
CA ASP A 249 -17.37 -12.39 -2.90
C ASP A 249 -17.75 -11.94 -1.48
N ASN A 250 -17.15 -12.56 -0.47
CA ASN A 250 -17.40 -12.22 0.92
C ASN A 250 -16.18 -11.46 1.43
N ARG A 251 -16.37 -10.16 1.66
CA ARG A 251 -15.29 -9.30 2.12
C ARG A 251 -14.83 -9.56 3.56
N TYR A 252 -15.76 -9.90 4.45
CA TYR A 252 -15.43 -10.13 5.85
C TYR A 252 -15.37 -11.56 6.34
N GLY A 253 -15.17 -12.51 5.43
CA GLY A 253 -15.12 -13.89 5.84
C GLY A 253 -13.70 -14.43 5.93
N GLY A 254 -12.74 -13.59 6.29
CA GLY A 254 -11.36 -14.05 6.35
C GLY A 254 -10.66 -13.80 7.67
N THR A 255 -9.34 -14.03 7.68
CA THR A 255 -8.50 -13.86 8.87
C THR A 255 -7.95 -12.46 9.09
N CYS A 256 -8.10 -11.59 8.09
CA CYS A 256 -7.64 -10.22 8.21
C CYS A 256 -8.82 -9.27 8.22
N ASP A 257 -8.58 -8.06 8.69
CA ASP A 257 -9.59 -7.02 8.73
C ASP A 257 -9.30 -6.14 7.50
N PRO A 258 -10.10 -6.28 6.43
CA PRO A 258 -9.93 -5.52 5.20
C PRO A 258 -10.32 -4.04 5.27
N ASP A 259 -11.02 -3.65 6.32
CA ASP A 259 -11.46 -2.25 6.48
C ASP A 259 -10.54 -1.44 7.38
N GLY A 260 -10.24 -1.97 8.55
CA GLY A 260 -9.37 -1.29 9.48
C GLY A 260 -10.06 -0.21 10.29
N CYS A 261 -9.32 0.36 11.23
CA CYS A 261 -9.83 1.46 12.04
C CYS A 261 -9.27 2.68 11.35
N ASP A 262 -10.00 3.17 10.35
CA ASP A 262 -9.58 4.30 9.55
C ASP A 262 -9.86 5.66 10.15
N TRP A 263 -8.98 6.60 9.83
CA TRP A 263 -9.12 7.96 10.30
C TRP A 263 -8.94 8.88 9.09
N ASN A 264 -10.07 9.38 8.59
CA ASN A 264 -10.11 10.31 7.46
C ASN A 264 -10.76 11.54 8.04
N PRO A 265 -10.01 12.65 8.18
CA PRO A 265 -10.53 13.90 8.74
C PRO A 265 -11.85 14.38 8.11
N TYR A 266 -11.94 14.28 6.78
CA TYR A 266 -13.13 14.69 6.05
C TYR A 266 -14.30 13.80 6.46
N ARG A 267 -14.08 12.49 6.50
CA ARG A 267 -15.11 11.54 6.89
C ARG A 267 -15.57 11.79 8.32
N LEU A 268 -14.67 12.31 9.13
CA LEU A 268 -14.97 12.59 10.53
C LEU A 268 -15.65 13.93 10.77
N GLY A 269 -15.84 14.71 9.71
CA GLY A 269 -16.53 15.99 9.86
C GLY A 269 -15.78 17.27 9.58
N ASN A 270 -14.46 17.20 9.47
CA ASN A 270 -13.71 18.40 9.19
C ASN A 270 -13.43 18.48 7.69
N THR A 271 -14.32 19.15 6.98
CA THR A 271 -14.23 19.28 5.54
C THR A 271 -13.34 20.45 5.09
N SER A 272 -12.74 21.15 6.04
CA SER A 272 -11.89 22.28 5.73
C SER A 272 -10.41 22.06 6.03
N PHE A 273 -10.08 20.89 6.54
CA PHE A 273 -8.70 20.61 6.90
C PHE A 273 -7.72 20.28 5.77
N TYR A 274 -8.10 19.38 4.89
CA TYR A 274 -7.22 18.91 3.82
C TYR A 274 -7.86 19.03 2.45
N GLY A 275 -7.22 19.79 1.57
CA GLY A 275 -7.76 19.96 0.23
C GLY A 275 -6.92 20.89 -0.62
N PRO A 276 -7.27 21.05 -1.91
CA PRO A 276 -6.55 21.90 -2.87
C PRO A 276 -6.88 23.37 -2.73
N GLY A 277 -5.86 24.18 -2.47
CA GLY A 277 -6.09 25.62 -2.33
C GLY A 277 -5.95 26.15 -0.92
N SER A 278 -5.85 27.46 -0.83
CA SER A 278 -5.68 28.17 0.43
C SER A 278 -6.87 28.21 1.38
N SER A 279 -8.03 27.72 0.96
CA SER A 279 -9.18 27.70 1.85
C SER A 279 -9.14 26.49 2.79
N PHE A 280 -8.13 25.64 2.62
CA PHE A 280 -7.96 24.47 3.47
C PHE A 280 -6.77 24.71 4.40
N THR A 281 -6.82 24.10 5.59
CA THR A 281 -5.74 24.23 6.57
C THR A 281 -4.45 23.72 5.92
N LEU A 282 -4.52 22.54 5.31
CA LEU A 282 -3.39 21.94 4.59
C LEU A 282 -3.71 22.02 3.10
N ASP A 283 -2.97 22.86 2.39
CA ASP A 283 -3.14 23.07 0.96
C ASP A 283 -2.44 21.94 0.18
N THR A 284 -3.22 21.07 -0.44
CA THR A 284 -2.65 19.94 -1.18
C THR A 284 -2.00 20.30 -2.51
N THR A 285 -1.99 21.58 -2.87
CA THR A 285 -1.31 21.99 -4.10
C THR A 285 0.17 22.22 -3.78
N LYS A 286 0.49 22.16 -2.48
CA LYS A 286 1.86 22.35 -1.98
C LYS A 286 2.32 21.10 -1.24
N LYS A 287 3.64 20.89 -1.19
CA LYS A 287 4.20 19.75 -0.49
C LYS A 287 3.95 19.89 1.02
N LEU A 288 3.80 18.76 1.69
CA LEU A 288 3.59 18.76 3.14
C LEU A 288 4.36 17.61 3.79
N THR A 289 4.53 17.71 5.11
CA THR A 289 5.23 16.70 5.89
C THR A 289 4.21 15.97 6.76
N VAL A 290 4.29 14.64 6.77
CA VAL A 290 3.37 13.81 7.54
C VAL A 290 4.17 13.00 8.57
N VAL A 291 3.84 13.17 9.84
CA VAL A 291 4.54 12.45 10.91
C VAL A 291 3.57 11.57 11.67
N THR A 292 3.93 10.30 11.83
CA THR A 292 3.08 9.34 12.50
C THR A 292 3.87 8.70 13.64
N GLN A 293 3.31 8.74 14.84
CA GLN A 293 3.96 8.21 16.03
C GLN A 293 3.24 7.01 16.62
N PHE A 294 3.99 5.94 16.86
CA PHE A 294 3.45 4.70 17.41
C PHE A 294 3.83 4.52 18.88
N GLU A 295 2.98 5.01 19.78
CA GLU A 295 3.31 4.88 21.19
C GLU A 295 3.16 3.46 21.68
N THR A 296 3.89 3.14 22.74
CA THR A 296 3.90 1.81 23.32
C THR A 296 2.56 1.28 23.80
N SER A 297 1.59 2.17 24.02
CA SER A 297 0.27 1.73 24.46
C SER A 297 -0.48 1.04 23.32
N GLY A 298 -0.05 1.30 22.09
CA GLY A 298 -0.72 0.73 20.94
C GLY A 298 -1.49 1.79 20.18
N ALA A 299 -1.56 2.99 20.74
CA ALA A 299 -2.25 4.10 20.10
C ALA A 299 -1.36 4.78 19.06
N ILE A 300 -1.99 5.52 18.15
CA ILE A 300 -1.24 6.20 17.10
C ILE A 300 -1.55 7.69 17.05
N ASN A 301 -0.50 8.50 17.03
CA ASN A 301 -0.66 9.94 16.96
C ASN A 301 -0.14 10.45 15.64
N ARG A 302 -0.63 11.62 15.24
CA ARG A 302 -0.27 12.18 13.96
C ARG A 302 -0.29 13.70 13.92
N TYR A 303 0.70 14.29 13.25
CA TYR A 303 0.75 15.72 13.07
C TYR A 303 1.34 15.97 11.70
N TYR A 304 1.08 17.17 11.17
CA TYR A 304 1.55 17.53 9.84
C TYR A 304 2.29 18.84 9.93
N VAL A 305 3.13 19.11 8.94
CA VAL A 305 3.86 20.38 8.90
C VAL A 305 3.85 20.89 7.47
N GLN A 306 3.48 22.15 7.28
CA GLN A 306 3.49 22.75 5.96
C GLN A 306 3.94 24.18 6.13
N ASN A 307 4.96 24.56 5.37
CA ASN A 307 5.53 25.90 5.44
C ASN A 307 5.96 26.25 6.86
N GLY A 308 6.48 25.26 7.58
CA GLY A 308 6.96 25.49 8.94
C GLY A 308 5.91 25.64 10.02
N VAL A 309 4.64 25.40 9.69
CA VAL A 309 3.56 25.50 10.67
C VAL A 309 3.12 24.07 10.93
N THR A 310 3.02 23.74 12.21
CA THR A 310 2.61 22.40 12.65
C THR A 310 1.13 22.34 12.96
N PHE A 311 0.50 21.24 12.55
CA PHE A 311 -0.92 21.00 12.79
C PHE A 311 -1.09 19.58 13.29
N GLN A 312 -1.66 19.42 14.48
CA GLN A 312 -1.89 18.09 15.01
C GLN A 312 -3.09 17.54 14.23
N GLN A 313 -3.26 16.23 14.25
CA GLN A 313 -4.42 15.59 13.60
C GLN A 313 -5.63 16.33 14.20
N PRO A 314 -6.56 16.80 13.35
CA PRO A 314 -7.73 17.52 13.88
C PRO A 314 -8.57 16.70 14.84
N ASN A 315 -9.15 17.39 15.83
CA ASN A 315 -10.00 16.75 16.81
C ASN A 315 -11.25 16.22 16.13
N ALA A 316 -11.71 15.07 16.61
CA ALA A 316 -12.91 14.44 16.09
C ALA A 316 -13.79 14.09 17.27
N GLU A 317 -15.09 14.19 17.06
CA GLU A 317 -16.06 13.84 18.09
C GLU A 317 -16.91 12.77 17.42
N LEU A 318 -16.88 11.57 17.98
CA LEU A 318 -17.62 10.45 17.42
C LEU A 318 -18.18 9.60 18.55
N GLY A 319 -19.50 9.67 18.75
CA GLY A 319 -20.12 8.92 19.82
C GLY A 319 -19.65 9.50 21.15
N SER A 320 -19.15 8.64 22.02
CA SER A 320 -18.63 9.07 23.32
C SER A 320 -17.16 9.49 23.23
N TYR A 321 -16.59 9.38 22.03
CA TYR A 321 -15.19 9.72 21.83
C TYR A 321 -14.95 11.16 21.39
N SER A 322 -13.85 11.73 21.87
CA SER A 322 -13.44 13.08 21.53
C SER A 322 -11.92 13.09 21.65
N GLY A 323 -11.24 13.60 20.63
CA GLY A 323 -9.79 13.66 20.68
C GLY A 323 -9.18 13.55 19.29
N ASN A 324 -7.85 13.54 19.24
CA ASN A 324 -7.15 13.43 17.96
C ASN A 324 -6.18 12.25 17.88
N GLU A 325 -6.33 11.32 18.81
CA GLU A 325 -5.48 10.14 18.87
C GLU A 325 -6.23 8.88 18.46
N LEU A 326 -5.61 8.10 17.58
CA LEU A 326 -6.21 6.86 17.14
C LEU A 326 -5.93 5.81 18.22
N ASN A 327 -6.91 5.61 19.09
CA ASN A 327 -6.78 4.64 20.17
C ASN A 327 -7.99 3.70 20.23
N ASP A 328 -8.02 2.84 21.25
CA ASP A 328 -9.11 1.88 21.41
C ASP A 328 -10.50 2.52 21.50
N ASP A 329 -10.59 3.67 22.16
CA ASP A 329 -11.86 4.36 22.31
C ASP A 329 -12.37 4.88 20.97
N TYR A 330 -11.46 5.40 20.14
CA TYR A 330 -11.85 5.89 18.83
C TYR A 330 -12.39 4.73 17.97
N CYS A 331 -11.61 3.66 17.88
CA CYS A 331 -11.98 2.52 17.07
C CYS A 331 -13.30 1.90 17.49
N THR A 332 -13.58 1.90 18.79
CA THR A 332 -14.82 1.34 19.31
C THR A 332 -15.99 2.26 18.96
N ALA A 333 -15.76 3.57 19.09
CA ALA A 333 -16.78 4.57 18.78
C ALA A 333 -17.10 4.53 17.28
N GLU A 334 -16.07 4.34 16.46
CA GLU A 334 -16.26 4.29 15.01
C GLU A 334 -17.14 3.12 14.60
N GLU A 335 -16.88 1.94 15.18
CA GLU A 335 -17.69 0.78 14.85
C GLU A 335 -19.13 1.00 15.31
N ALA A 336 -19.28 1.71 16.42
CA ALA A 336 -20.60 1.99 16.97
C ALA A 336 -21.38 2.98 16.09
N GLU A 337 -20.69 4.00 15.60
CA GLU A 337 -21.30 5.05 14.78
C GLU A 337 -21.42 4.70 13.30
N PHE A 338 -20.32 4.29 12.69
CA PHE A 338 -20.31 3.94 11.26
C PHE A 338 -20.72 2.50 10.99
N GLY A 339 -20.69 1.66 12.02
CA GLY A 339 -21.06 0.26 11.82
C GLY A 339 -19.87 -0.62 11.50
N GLY A 340 -20.09 -1.93 11.49
CA GLY A 340 -19.01 -2.86 11.18
C GLY A 340 -18.41 -3.46 12.44
N SER A 341 -17.73 -4.59 12.28
CA SER A 341 -17.10 -5.26 13.42
C SER A 341 -15.83 -6.03 13.07
N SER A 342 -15.34 -5.92 11.84
CA SER A 342 -14.14 -6.64 11.48
C SER A 342 -12.89 -6.25 12.27
N PHE A 343 -12.71 -4.96 12.54
CA PHE A 343 -11.54 -4.50 13.30
C PHE A 343 -11.47 -5.15 14.68
N SER A 344 -12.58 -5.09 15.41
CA SER A 344 -12.64 -5.68 16.75
C SER A 344 -12.64 -7.20 16.73
N ASP A 345 -13.20 -7.79 15.69
CA ASP A 345 -13.24 -9.26 15.57
C ASP A 345 -11.84 -9.81 15.35
N LYS A 346 -10.97 -9.00 14.75
CA LYS A 346 -9.59 -9.39 14.49
C LYS A 346 -8.63 -9.01 15.61
N GLY A 347 -9.17 -8.53 16.73
CA GLY A 347 -8.31 -8.18 17.85
C GLY A 347 -8.00 -6.72 18.07
N GLY A 348 -8.42 -5.86 17.15
CA GLY A 348 -8.18 -4.45 17.31
C GLY A 348 -6.72 -4.04 17.45
N LEU A 349 -6.49 -2.95 18.19
CA LEU A 349 -5.14 -2.42 18.38
C LEU A 349 -4.21 -3.32 19.19
N THR A 350 -4.79 -4.15 20.05
CA THR A 350 -4.00 -5.09 20.85
C THR A 350 -3.37 -6.11 19.92
N GLN A 351 -4.16 -6.64 19.01
CA GLN A 351 -3.65 -7.62 18.05
C GLN A 351 -2.70 -6.91 17.10
N PHE A 352 -3.04 -5.68 16.73
CA PHE A 352 -2.21 -4.92 15.80
C PHE A 352 -0.81 -4.61 16.35
N LYS A 353 -0.73 -4.45 17.68
CA LYS A 353 0.53 -4.16 18.36
C LYS A 353 1.56 -5.27 18.11
N LYS A 354 1.08 -6.48 17.86
CA LYS A 354 1.97 -7.61 17.58
C LYS A 354 2.68 -7.42 16.25
N ALA A 355 2.04 -6.69 15.33
CA ALA A 355 2.62 -6.43 14.02
C ALA A 355 3.68 -5.34 14.10
N THR A 356 3.36 -4.27 14.80
CA THR A 356 4.30 -3.15 14.95
C THR A 356 5.48 -3.47 15.88
N SER A 357 5.33 -4.51 16.68
CA SER A 357 6.40 -4.95 17.57
C SER A 357 7.42 -5.72 16.77
N GLY A 358 6.97 -6.33 15.68
CA GLY A 358 7.85 -7.09 14.81
C GLY A 358 8.30 -6.23 13.64
N GLY A 359 8.95 -6.83 12.66
CA GLY A 359 9.42 -6.07 11.53
C GLY A 359 8.34 -5.92 10.46
N MET A 360 8.36 -4.79 9.75
CA MET A 360 7.41 -4.53 8.67
C MET A 360 8.15 -3.88 7.51
N VAL A 361 7.76 -4.24 6.30
CA VAL A 361 8.36 -3.71 5.09
C VAL A 361 7.62 -2.46 4.58
N LEU A 362 8.38 -1.45 4.16
CA LEU A 362 7.85 -0.21 3.63
C LEU A 362 7.45 -0.39 2.16
N VAL A 363 6.23 0.05 1.84
CA VAL A 363 5.68 -0.02 0.49
C VAL A 363 5.22 1.37 0.03
N MET A 364 5.52 1.69 -1.21
CA MET A 364 5.08 2.95 -1.80
C MET A 364 4.43 2.58 -3.12
N SER A 365 3.19 3.03 -3.33
CA SER A 365 2.47 2.71 -4.55
C SER A 365 1.60 3.85 -5.08
N LEU A 366 1.21 3.69 -6.34
CA LEU A 366 0.34 4.63 -7.03
C LEU A 366 -0.58 3.72 -7.81
N TRP A 367 -1.88 3.88 -7.58
CA TRP A 367 -2.85 3.03 -8.24
C TRP A 367 -4.23 3.64 -8.39
N ASP A 368 -5.00 3.04 -9.29
CA ASP A 368 -6.37 3.42 -9.47
C ASP A 368 -7.14 2.14 -9.10
N ASP A 369 -8.39 2.32 -8.73
CA ASP A 369 -9.25 1.26 -8.23
C ASP A 369 -10.24 0.63 -9.20
N TYR A 370 -9.94 -0.58 -9.66
CA TYR A 370 -10.80 -1.30 -10.59
C TYR A 370 -12.03 -1.94 -9.96
N TYR A 371 -12.09 -1.93 -8.63
CA TYR A 371 -13.21 -2.54 -7.92
C TYR A 371 -14.21 -1.56 -7.31
N ALA A 372 -13.73 -0.42 -6.81
CA ALA A 372 -14.62 0.56 -6.18
C ALA A 372 -14.33 2.00 -6.59
N ASN A 373 -13.51 2.17 -7.63
CA ASN A 373 -13.18 3.49 -8.15
C ASN A 373 -12.67 4.52 -7.14
N MET A 374 -12.12 4.04 -6.02
CA MET A 374 -11.57 4.91 -4.97
C MET A 374 -12.63 5.74 -4.28
N LEU A 375 -13.89 5.36 -4.44
CA LEU A 375 -15.02 6.09 -3.82
C LEU A 375 -14.98 6.03 -2.30
N TRP A 376 -14.48 4.92 -1.75
CA TRP A 376 -14.36 4.71 -0.31
C TRP A 376 -13.39 5.73 0.32
N LEU A 377 -12.50 6.30 -0.50
CA LEU A 377 -11.53 7.26 -0.03
C LEU A 377 -11.92 8.72 -0.21
N ASP A 378 -12.41 9.05 -1.41
CA ASP A 378 -12.71 10.44 -1.73
C ASP A 378 -14.12 10.85 -2.17
N SER A 379 -15.12 9.99 -2.02
CA SER A 379 -16.47 10.35 -2.46
C SER A 379 -17.49 9.87 -1.42
N THR A 380 -18.73 9.65 -1.85
CA THR A 380 -19.76 9.13 -0.96
C THR A 380 -19.80 7.64 -1.25
N TYR A 381 -19.80 6.81 -0.20
CA TYR A 381 -19.77 5.38 -0.41
C TYR A 381 -20.46 4.60 0.71
N PRO A 382 -21.41 3.71 0.37
CA PRO A 382 -21.88 3.36 -0.98
C PRO A 382 -22.47 4.59 -1.68
N THR A 383 -22.54 4.55 -3.01
CA THR A 383 -23.05 5.68 -3.78
C THR A 383 -24.53 5.99 -3.56
N ASN A 384 -25.29 5.01 -3.07
CA ASN A 384 -26.73 5.18 -2.82
C ASN A 384 -27.01 5.86 -1.48
N GLU A 385 -25.96 6.02 -0.68
CA GLU A 385 -26.10 6.66 0.63
C GLU A 385 -26.14 8.17 0.51
N THR A 386 -26.62 8.81 1.57
CA THR A 386 -26.72 10.26 1.58
C THR A 386 -25.77 10.81 2.66
N SER A 387 -25.65 12.13 2.70
CA SER A 387 -24.78 12.79 3.66
C SER A 387 -25.32 12.62 5.09
N SER A 388 -26.60 12.28 5.20
CA SER A 388 -27.22 12.09 6.50
C SER A 388 -26.86 10.74 7.10
N THR A 389 -26.22 9.89 6.30
CA THR A 389 -25.79 8.59 6.80
C THR A 389 -24.40 8.81 7.38
N PRO A 390 -24.19 8.44 8.66
CA PRO A 390 -22.90 8.61 9.33
C PRO A 390 -21.74 7.93 8.61
N GLY A 391 -20.72 8.72 8.29
CA GLY A 391 -19.55 8.18 7.62
C GLY A 391 -19.61 7.86 6.14
N ALA A 392 -20.76 8.07 5.51
CA ALA A 392 -20.89 7.77 4.08
C ALA A 392 -20.06 8.71 3.21
N VAL A 393 -19.98 9.98 3.58
CA VAL A 393 -19.21 10.96 2.80
C VAL A 393 -17.76 11.03 3.27
N ARG A 394 -16.84 10.64 2.39
CA ARG A 394 -15.42 10.62 2.70
C ARG A 394 -14.63 11.69 1.94
N GLY A 395 -15.28 12.32 0.97
CA GLY A 395 -14.61 13.34 0.19
C GLY A 395 -15.59 14.06 -0.72
N SER A 396 -15.10 15.05 -1.45
CA SER A 396 -15.95 15.83 -2.35
C SER A 396 -16.04 15.36 -3.79
N CYS A 397 -15.39 14.24 -4.11
CA CYS A 397 -15.43 13.72 -5.47
C CYS A 397 -16.81 13.19 -5.83
N SER A 398 -17.17 13.34 -7.09
CA SER A 398 -18.46 12.85 -7.57
C SER A 398 -18.49 11.33 -7.47
N THR A 399 -19.67 10.77 -7.22
CA THR A 399 -19.83 9.32 -7.14
C THR A 399 -19.60 8.65 -8.50
N SER A 400 -19.42 9.45 -9.55
CA SER A 400 -19.18 8.93 -10.90
C SER A 400 -17.70 9.00 -11.25
N SER A 401 -16.88 9.46 -10.31
CA SER A 401 -15.44 9.60 -10.54
C SER A 401 -14.66 8.30 -10.37
N GLY A 402 -13.39 8.33 -10.77
CA GLY A 402 -12.52 7.18 -10.61
C GLY A 402 -12.59 6.00 -11.55
N VAL A 403 -13.33 6.10 -12.65
CA VAL A 403 -13.38 4.97 -13.59
C VAL A 403 -11.96 4.87 -14.14
N PRO A 404 -11.29 3.72 -13.95
CA PRO A 404 -9.93 3.54 -14.43
C PRO A 404 -9.63 3.97 -15.86
N ALA A 405 -10.37 3.43 -16.81
CA ALA A 405 -10.15 3.78 -18.22
C ALA A 405 -10.23 5.28 -18.45
N GLN A 406 -11.16 5.93 -17.74
CA GLN A 406 -11.35 7.37 -17.87
C GLN A 406 -10.22 8.19 -17.28
N VAL A 407 -9.85 7.93 -16.02
CA VAL A 407 -8.77 8.69 -15.39
C VAL A 407 -7.42 8.45 -16.07
N GLU A 408 -7.19 7.23 -16.56
CA GLU A 408 -5.94 6.92 -17.24
C GLU A 408 -5.85 7.67 -18.57
N SER A 409 -6.99 7.92 -19.17
CA SER A 409 -7.06 8.64 -20.44
C SER A 409 -7.04 10.15 -20.25
N GLN A 410 -7.67 10.63 -19.19
CA GLN A 410 -7.75 12.06 -18.90
C GLN A 410 -6.60 12.65 -18.11
N SER A 411 -6.02 11.86 -17.20
CA SER A 411 -4.92 12.33 -16.36
C SER A 411 -3.70 11.40 -16.42
N PRO A 412 -3.21 11.10 -17.64
CA PRO A 412 -2.06 10.20 -17.75
C PRO A 412 -0.79 10.72 -17.09
N ASN A 413 -0.63 12.05 -17.07
CA ASN A 413 0.55 12.68 -16.49
C ASN A 413 0.49 12.86 -14.97
N ALA A 414 -0.48 12.23 -14.32
CA ALA A 414 -0.58 12.32 -12.87
C ALA A 414 0.66 11.64 -12.31
N LYS A 415 1.03 11.99 -11.08
CA LYS A 415 2.19 11.40 -10.44
C LYS A 415 2.23 11.74 -8.96
N VAL A 416 3.08 11.02 -8.23
CA VAL A 416 3.24 11.27 -6.79
C VAL A 416 4.73 11.25 -6.47
N THR A 417 5.13 12.12 -5.56
CA THR A 417 6.51 12.19 -5.12
C THR A 417 6.63 12.08 -3.60
N PHE A 418 7.33 11.05 -3.15
CA PHE A 418 7.58 10.83 -1.73
C PHE A 418 9.05 11.19 -1.53
N SER A 419 9.37 11.90 -0.45
CA SER A 419 10.76 12.26 -0.20
C SER A 419 11.04 12.50 1.28
N ASN A 420 12.34 12.63 1.59
CA ASN A 420 12.80 12.91 2.95
C ASN A 420 12.22 12.01 4.04
N ILE A 421 12.34 10.70 3.85
CA ILE A 421 11.85 9.74 4.84
C ILE A 421 12.82 9.76 6.04
N LYS A 422 12.25 9.83 7.24
CA LYS A 422 13.04 9.86 8.46
C LYS A 422 12.33 8.93 9.45
N PHE A 423 13.13 8.14 10.15
CA PHE A 423 12.59 7.16 11.10
C PHE A 423 13.47 7.11 12.35
N GLY A 424 12.84 6.97 13.51
CA GLY A 424 13.59 6.92 14.75
C GLY A 424 12.64 7.00 15.91
N PRO A 425 13.15 7.06 17.16
CA PRO A 425 12.31 7.15 18.35
C PRO A 425 11.37 8.35 18.30
N ILE A 426 10.25 8.26 19.00
CA ILE A 426 9.27 9.34 19.07
C ILE A 426 9.94 10.64 19.52
N GLY A 427 9.70 11.70 18.74
CA GLY A 427 10.26 13.02 19.02
C GLY A 427 11.62 13.31 18.40
N SER A 428 12.13 12.39 17.58
CA SER A 428 13.47 12.56 17.00
C SER A 428 13.59 12.96 15.53
N THR A 429 12.59 12.65 14.72
CA THR A 429 12.66 12.93 13.30
C THR A 429 12.61 14.38 12.88
N GLY A 430 12.21 15.26 13.80
CA GLY A 430 12.15 16.67 13.49
C GLY A 430 13.51 17.36 13.61
N ASN A 431 14.51 16.62 14.08
CA ASN A 431 15.85 17.16 14.25
C ASN A 431 16.67 17.13 12.97
N PRO A 432 17.81 17.87 12.95
CA PRO A 432 18.71 17.96 11.80
C PRO A 432 19.19 16.63 11.21
N SER A 433 19.04 16.50 9.90
CA SER A 433 19.46 15.31 9.17
C SER A 433 20.98 15.32 9.01
N GLY A 434 21.59 14.15 9.11
CA GLY A 434 23.04 14.05 8.96
C GLY A 434 23.46 13.72 7.54
C2 BGC B . -15.64 0.30 2.77
C3 BGC B . -14.22 -0.25 2.83
C4 BGC B . -13.26 0.78 3.40
C5 BGC B . -13.80 1.42 4.70
C6 BGC B . -12.97 2.60 5.16
C1 BGC B . -16.03 0.85 4.13
O1 BGC B . -17.31 1.36 4.10
O2 BGC B . -16.53 -0.74 2.39
O3 BGC B . -13.81 -0.61 1.51
O4 BGC B . -11.99 0.15 3.70
O5 BGC B . -15.14 1.89 4.50
O6 BGC B . -12.80 3.54 4.12
C2 BGC B . -9.63 0.24 3.68
C3 BGC B . -8.42 0.54 2.80
C4 BGC B . -8.51 -0.30 1.53
C5 BGC B . -9.86 -0.04 0.84
C6 BGC B . -10.06 -0.87 -0.41
C1 BGC B . -10.91 0.49 2.90
O2 BGC B . -9.60 1.08 4.83
O3 BGC B . -7.22 0.23 3.50
O4 BGC B . -7.44 0.03 0.65
O5 BGC B . -10.94 -0.33 1.73
O6 BGC B . -10.28 -2.22 -0.08
C2 BGC C . -1.80 -1.50 -3.26
C3 BGC C . -1.98 -1.36 -4.77
C4 BGC C . -3.10 -2.25 -5.30
C5 BGC C . -4.36 -2.04 -4.47
C6 BGC C . -5.54 -2.92 -4.84
C1 BGC C . -3.16 -1.32 -2.56
O1 BGC C . -3.05 -1.52 -1.19
O2 BGC C . -0.89 -0.52 -2.80
O3 BGC C . -0.77 -1.67 -5.43
O4 BGC C . -3.38 -1.84 -6.65
O5 BGC C . -4.09 -2.26 -3.08
O6 BGC C . -5.22 -4.29 -4.73
C2 BGC C . -3.67 -2.12 -8.98
C3 BGC C . -3.58 -3.11 -10.14
C4 BGC C . -2.31 -3.94 -9.99
C5 BGC C . -2.36 -4.65 -8.64
C6 BGC C . -1.18 -5.59 -8.41
C1 BGC C . -3.52 -2.82 -7.62
O2 BGC C . -4.91 -1.45 -9.03
O3 BGC C . -3.53 -2.39 -11.37
O4 BGC C . -2.24 -4.91 -11.05
O5 BGC C . -2.35 -3.67 -7.59
O6 BGC C . -1.33 -6.34 -7.21
C2 BGC C . -1.09 -6.05 -12.79
C3 BGC C . 0.14 -5.99 -13.70
C4 BGC C . 0.29 -4.59 -14.34
C5 BGC C . 0.13 -3.49 -13.30
C6 BGC C . 0.16 -2.08 -13.86
C1 BGC C . -1.10 -4.87 -11.84
O2 BGC C . -1.08 -7.25 -12.05
O3 BGC C . 0.00 -6.98 -14.72
O4 BGC C . 1.61 -4.46 -14.91
O5 BGC C . -1.10 -3.66 -12.57
O6 BGC C . -0.77 -1.91 -14.91
C2 BGC C . 3.06 -4.26 -16.75
C3 BGC C . 3.48 -4.88 -18.06
C4 BGC C . 3.64 -6.39 -17.91
C5 BGC C . 2.38 -6.98 -17.27
C6 BGC C . 2.50 -8.47 -17.00
C1 BGC C . 1.84 -4.96 -16.16
O2 BGC C . 2.75 -2.88 -16.97
O3 BGC C . 4.73 -4.32 -18.46
O4 BGC C . 3.81 -6.98 -19.20
O5 BGC C . 2.10 -6.36 -16.02
O6 BGC C . 1.31 -8.96 -16.42
C2 BGC C . 4.90 -8.48 -20.66
C3 BGC C . 6.26 -8.93 -21.19
C4 BGC C . 7.15 -7.72 -21.51
C5 BGC C . 7.21 -6.79 -20.31
C6 BGC C . 8.01 -5.52 -20.58
C1 BGC C . 5.06 -7.48 -19.52
O2 BGC C . 4.16 -9.60 -20.20
O3 BGC C . 6.06 -9.73 -22.35
O4 BGC C . 8.49 -8.17 -21.82
O5 BGC C . 5.87 -6.38 -19.92
O6 BGC C . 7.49 -4.81 -21.68
C2 BGC C . 10.33 -8.16 -23.31
C3 BGC C . 10.75 -8.45 -24.75
C4 BGC C . 10.24 -9.83 -25.17
C5 BGC C . 8.73 -9.91 -24.94
C6 BGC C . 8.17 -11.30 -25.23
C1 BGC C . 8.82 -8.32 -23.15
O2 BGC C . 10.71 -6.84 -22.94
O3 BGC C . 12.16 -8.41 -24.85
O4 BGC C . 10.53 -10.07 -26.55
O5 BGC C . 8.43 -9.63 -23.56
O6 BGC C . 6.84 -11.42 -24.75
C1 NAG D . -10.40 21.47 11.12
C2 NAG D . -11.20 22.47 11.97
C3 NAG D . -10.42 23.78 12.15
C4 NAG D . -9.01 23.49 12.66
C5 NAG D . -8.32 22.47 11.75
C6 NAG D . -6.96 22.08 12.28
C7 NAG D . -13.58 22.16 11.71
C8 NAG D . -14.84 22.54 10.93
N2 NAG D . -12.46 22.75 11.32
O3 NAG D . -11.08 24.60 13.09
O4 NAG D . -8.26 24.70 12.69
O5 NAG D . -9.10 21.27 11.69
O6 NAG D . -7.09 21.38 13.51
O7 NAG D . -13.63 21.35 12.64
CO CO E . -4.69 -24.74 -1.89
CO CO F . -1.23 8.71 24.02
#